data_7CR5
#
_entry.id   7CR5
#
_cell.length_a   154.065
_cell.length_b   52.596
_cell.length_c   85.299
_cell.angle_alpha   90.000
_cell.angle_beta   90.000
_cell.angle_gamma   90.000
#
_symmetry.space_group_name_H-M   'P 21 21 2'
#
loop_
_entity.id
_entity.type
_entity.pdbx_description
1 polymer Nucleoprotein
2 polymer 'monoclonal antibody chain H'
3 polymer 'monoclonal antibody chain L'
4 non-polymer 'ZINC ION'
5 water water
#
loop_
_entity_poly.entity_id
_entity_poly.type
_entity_poly.pdbx_seq_one_letter_code
_entity_poly.pdbx_strand_id
1 'polypeptide(L)'
;RPQGLPNNTASWFTALTQHGKEDLKFPRGQGVPINTNSSPDDQIGYYRRATRRIRGGDGKMKDLSPRWYFYYLGTGPEAG
LPYGANKDGIIWVATEGALNTPKDHIGTRNPANNAAIVLQLPQGTTLPKGFYAE
;
A
2 'polypeptide(L)'
;QVQLVESGGGVVQPGRSLRLSCAASGFTFSSYIMHWVRQAPGKGLEWVAVISYDGSNEAYADSVKGRFTISRDNSKNTLY
LQMSSLRAEDTGVYYCARETGDYSSSWYDSWGRGTLVTVSSASTKGPSVFPLAPSSKSTSGGTAALGCLVKDYFPEPVTV
SWNSGALTSGVHTFPAVLQSSGLYSLSSVVTVPSSSLGTQTYICNVNHKPSNTKVDKRVEPKSCDK
;
H
3 'polypeptide(L)'
;QLVLTQSPSASASLGASVKLTCTLSSGHSNYAIAWHQQQPEKGPRYLMKVNSDGSHTKGDGIPDRFSGSSSGAERYLTIS
SLQSEDEADYYCQTWGTGIQVFGGGTKLTVLGQPKAAPSVTLFPPSSEELQANKATLVCLISDFYPGAVTVAWKADSSPV
KAGVETTTPSKQSNNKYAASSYLSLTPEQWKSHRSYSCQVTHEGSTVEKTVAPTECS
;
L
#
# COMPACT_ATOMS: atom_id res chain seq x y z
N ASN A 8 12.66 -50.10 5.42
CA ASN A 8 11.72 -49.01 5.15
C ASN A 8 12.40 -47.65 5.10
N THR A 9 11.94 -46.80 4.17
CA THR A 9 12.71 -45.66 3.72
C THR A 9 11.78 -44.46 3.56
N ALA A 10 12.35 -43.27 3.74
CA ALA A 10 11.62 -42.02 3.63
C ALA A 10 12.63 -40.91 3.48
N SER A 11 12.16 -39.77 2.97
CA SER A 11 12.98 -38.56 3.04
C SER A 11 13.29 -38.25 4.50
N TRP A 12 14.50 -37.76 4.75
CA TRP A 12 14.77 -37.25 6.10
C TRP A 12 13.89 -36.07 6.48
N PHE A 13 13.28 -35.37 5.51
CA PHE A 13 12.60 -34.11 5.80
C PHE A 13 11.12 -34.18 5.44
N THR A 14 10.35 -33.28 6.05
CA THR A 14 8.98 -33.06 5.63
C THR A 14 8.96 -32.46 4.22
N ALA A 15 7.78 -32.50 3.60
CA ALA A 15 7.60 -32.14 2.21
C ALA A 15 7.47 -30.64 2.01
N LEU A 16 7.84 -30.21 0.82
CA LEU A 16 7.57 -28.87 0.33
C LEU A 16 6.30 -28.92 -0.48
N THR A 17 5.36 -28.03 -0.18
CA THR A 17 4.15 -27.92 -0.97
C THR A 17 4.34 -26.89 -2.07
N GLN A 18 4.05 -27.28 -3.31
CA GLN A 18 4.11 -26.37 -4.45
C GLN A 18 2.75 -25.71 -4.59
N HIS A 19 2.76 -24.37 -4.69
CA HIS A 19 1.53 -23.59 -4.61
C HIS A 19 1.00 -23.14 -5.96
N GLY A 20 1.88 -22.96 -6.96
CA GLY A 20 1.46 -22.60 -8.29
C GLY A 20 1.36 -23.80 -9.21
N LYS A 21 1.29 -23.50 -10.51
CA LYS A 21 1.32 -24.56 -11.51
C LYS A 21 2.75 -24.94 -11.85
N GLU A 22 3.68 -23.99 -11.76
CA GLU A 22 5.07 -24.22 -12.13
C GLU A 22 5.79 -25.09 -11.10
N ASP A 23 6.71 -25.92 -11.59
CA ASP A 23 7.64 -26.66 -10.74
C ASP A 23 8.33 -25.76 -9.74
N LEU A 24 8.81 -26.34 -8.62
CA LEU A 24 9.67 -25.61 -7.71
C LEU A 24 10.91 -25.06 -8.42
N LYS A 25 11.25 -23.80 -8.13
CA LYS A 25 12.52 -23.23 -8.56
C LYS A 25 13.23 -22.68 -7.34
N PHE A 26 14.55 -22.80 -7.34
CA PHE A 26 15.40 -22.32 -6.26
C PHE A 26 16.51 -21.43 -6.83
N PRO A 27 16.92 -20.40 -6.09
CA PRO A 27 18.13 -19.67 -6.49
C PRO A 27 19.34 -20.60 -6.52
N ARG A 28 20.18 -20.40 -7.54
CA ARG A 28 21.41 -21.15 -7.67
C ARG A 28 22.13 -21.19 -6.33
N GLY A 29 22.56 -22.39 -5.93
CA GLY A 29 23.23 -22.53 -4.66
C GLY A 29 22.30 -22.56 -3.46
N GLN A 30 21.00 -22.70 -3.67
CA GLN A 30 20.07 -22.86 -2.57
C GLN A 30 19.05 -23.94 -2.91
N GLY A 31 18.35 -24.39 -1.87
CA GLY A 31 17.35 -25.45 -1.97
C GLY A 31 17.62 -26.62 -1.07
N VAL A 32 18.88 -26.84 -0.71
CA VAL A 32 19.20 -27.90 0.25
C VAL A 32 18.65 -27.51 1.62
N PRO A 33 17.89 -28.39 2.27
CA PRO A 33 17.30 -28.02 3.56
C PRO A 33 18.38 -27.76 4.61
N ILE A 34 18.06 -26.87 5.55
CA ILE A 34 18.99 -26.59 6.63
C ILE A 34 19.12 -27.82 7.51
N ASN A 35 20.33 -28.05 8.01
CA ASN A 35 20.58 -29.16 8.92
C ASN A 35 21.89 -28.85 9.64
N THR A 36 21.77 -28.42 10.89
CA THR A 36 22.93 -28.02 11.69
C THR A 36 24.09 -28.98 11.56
N ASN A 37 23.86 -30.24 11.93
CA ASN A 37 24.93 -31.24 12.04
C ASN A 37 25.14 -31.96 10.70
N SER A 38 25.34 -31.16 9.67
CA SER A 38 25.59 -31.65 8.32
C SER A 38 26.90 -31.04 7.83
N SER A 39 27.65 -31.80 7.06
CA SER A 39 28.89 -31.23 6.54
C SER A 39 28.64 -30.51 5.22
N PRO A 40 29.38 -29.43 4.95
CA PRO A 40 29.16 -28.73 3.67
C PRO A 40 29.47 -29.58 2.45
N ASP A 41 30.31 -30.63 2.62
CA ASP A 41 30.52 -31.60 1.53
C ASP A 41 29.22 -32.29 1.13
N ASP A 42 28.25 -32.38 2.03
CA ASP A 42 27.04 -33.19 1.86
C ASP A 42 25.86 -32.40 1.29
N GLN A 43 25.99 -31.09 1.08
CA GLN A 43 24.83 -30.23 0.78
C GLN A 43 24.46 -30.29 -0.71
N ILE A 44 23.92 -31.43 -1.12
CA ILE A 44 23.58 -31.64 -2.52
C ILE A 44 22.57 -32.78 -2.60
N GLY A 45 21.58 -32.63 -3.47
CA GLY A 45 20.60 -33.69 -3.61
C GLY A 45 19.51 -33.28 -4.57
N TYR A 46 18.37 -33.98 -4.48
CA TYR A 46 17.26 -33.71 -5.38
C TYR A 46 15.94 -33.68 -4.61
N TYR A 47 15.00 -32.92 -5.16
CA TYR A 47 13.60 -33.00 -4.78
C TYR A 47 12.86 -33.89 -5.76
N ARG A 48 11.99 -34.74 -5.25
CA ARG A 48 11.18 -35.63 -6.07
C ARG A 48 9.70 -35.35 -5.80
N ARG A 49 8.95 -35.13 -6.88
CA ARG A 49 7.55 -34.75 -6.81
C ARG A 49 6.68 -35.96 -6.53
N ALA A 50 5.68 -35.78 -5.67
CA ALA A 50 4.63 -36.76 -5.42
C ALA A 50 3.28 -36.04 -5.52
N THR A 51 2.32 -36.64 -6.21
CA THR A 51 1.02 -35.99 -6.41
C THR A 51 -0.08 -36.96 -6.00
N ARG A 52 -0.93 -36.52 -5.07
CA ARG A 52 -2.07 -37.32 -4.66
C ARG A 52 -3.31 -36.86 -5.43
N ARG A 53 -4.23 -37.80 -5.66
CA ARG A 53 -5.48 -37.53 -6.37
C ARG A 53 -6.68 -37.86 -5.49
N ILE A 54 -7.67 -36.98 -5.51
CA ILE A 54 -8.94 -37.19 -4.83
C ILE A 54 -10.04 -36.65 -5.74
N ARG A 55 -11.30 -36.86 -5.34
CA ARG A 55 -12.38 -36.29 -6.13
C ARG A 55 -12.41 -34.78 -5.94
N GLY A 56 -12.63 -34.06 -7.04
CA GLY A 56 -12.82 -32.63 -6.99
C GLY A 56 -14.28 -32.28 -6.74
N GLY A 57 -14.54 -30.97 -6.73
CA GLY A 57 -15.87 -30.46 -6.42
C GLY A 57 -16.94 -30.88 -7.42
N ASP A 58 -16.55 -31.33 -8.61
CA ASP A 58 -17.48 -31.81 -9.61
C ASP A 58 -17.58 -33.34 -9.61
N GLY A 59 -16.98 -34.00 -8.63
CA GLY A 59 -17.01 -35.44 -8.55
C GLY A 59 -16.00 -36.15 -9.40
N LYS A 60 -15.20 -35.42 -10.18
CA LYS A 60 -14.19 -35.99 -11.06
C LYS A 60 -12.85 -36.01 -10.35
N MET A 61 -12.15 -37.14 -10.50
CA MET A 61 -10.81 -37.27 -9.93
C MET A 61 -9.89 -36.16 -10.45
N LYS A 62 -9.15 -35.54 -9.54
CA LYS A 62 -8.25 -34.44 -9.87
C LYS A 62 -6.97 -34.58 -9.05
N ASP A 63 -5.93 -33.84 -9.48
CA ASP A 63 -4.67 -33.82 -8.76
C ASP A 63 -4.73 -32.78 -7.64
N LEU A 64 -4.09 -33.10 -6.52
CA LEU A 64 -3.84 -32.12 -5.49
C LEU A 64 -2.54 -31.38 -5.78
N SER A 65 -2.27 -30.35 -4.98
CA SER A 65 -0.99 -29.65 -5.10
C SER A 65 0.14 -30.65 -4.93
N PRO A 66 1.11 -30.69 -5.86
CA PRO A 66 2.24 -31.60 -5.68
C PRO A 66 3.01 -31.28 -4.41
N ARG A 67 3.52 -32.34 -3.79
CA ARG A 67 4.47 -32.27 -2.70
C ARG A 67 5.83 -32.72 -3.21
N TRP A 68 6.89 -32.11 -2.69
CA TRP A 68 8.25 -32.41 -3.12
C TRP A 68 9.06 -32.84 -1.91
N TYR A 69 9.79 -33.95 -2.05
CA TYR A 69 10.58 -34.52 -0.97
C TYR A 69 12.06 -34.50 -1.34
N PHE A 70 12.88 -34.07 -0.39
CA PHE A 70 14.31 -33.96 -0.63
C PHE A 70 15.03 -35.25 -0.31
N TYR A 71 15.97 -35.61 -1.17
CA TYR A 71 16.87 -36.74 -0.96
C TYR A 71 18.29 -36.29 -1.23
N TYR A 72 19.21 -36.64 -0.33
CA TYR A 72 20.61 -36.34 -0.58
C TYR A 72 21.08 -37.11 -1.82
N LEU A 73 22.08 -36.55 -2.49
CA LEU A 73 22.57 -37.12 -3.73
C LEU A 73 22.98 -38.58 -3.53
N GLY A 74 22.54 -39.45 -4.43
CA GLY A 74 22.90 -40.86 -4.34
C GLY A 74 22.09 -41.68 -3.38
N THR A 75 20.95 -41.17 -2.90
CA THR A 75 20.07 -41.86 -1.96
C THR A 75 18.64 -41.82 -2.51
N GLY A 76 17.77 -42.66 -1.96
CA GLY A 76 16.35 -42.56 -2.21
C GLY A 76 15.91 -43.18 -3.52
N PRO A 77 14.68 -42.89 -3.95
CA PRO A 77 14.14 -43.53 -5.17
C PRO A 77 14.98 -43.30 -6.40
N GLU A 78 15.75 -42.23 -6.47
CA GLU A 78 16.55 -41.94 -7.65
C GLU A 78 18.03 -41.91 -7.28
N ALA A 79 18.41 -42.80 -6.35
CA ALA A 79 19.80 -42.91 -5.92
C ALA A 79 20.75 -43.19 -7.09
N GLY A 80 20.28 -43.78 -8.18
CA GLY A 80 21.13 -44.04 -9.32
C GLY A 80 21.35 -42.88 -10.26
N LEU A 81 20.57 -41.80 -10.13
CA LEU A 81 20.74 -40.65 -11.02
C LEU A 81 21.98 -39.85 -10.63
N PRO A 82 22.83 -39.48 -11.57
CA PRO A 82 23.89 -38.52 -11.27
C PRO A 82 23.33 -37.12 -11.14
N TYR A 83 24.03 -36.32 -10.35
CA TYR A 83 23.62 -34.94 -10.14
C TYR A 83 23.41 -34.26 -11.48
N GLY A 84 22.31 -33.51 -11.60
CA GLY A 84 22.04 -32.75 -12.79
C GLY A 84 21.33 -33.51 -13.89
N ALA A 85 21.15 -34.82 -13.74
CA ALA A 85 20.44 -35.58 -14.78
C ALA A 85 19.00 -35.10 -14.89
N ASN A 86 18.56 -34.86 -16.12
CA ASN A 86 17.22 -34.37 -16.38
C ASN A 86 16.22 -35.51 -16.28
N LYS A 87 15.20 -35.35 -15.42
CA LYS A 87 14.11 -36.31 -15.35
C LYS A 87 12.90 -35.59 -14.77
N ASP A 88 11.72 -35.88 -15.32
CA ASP A 88 10.53 -35.13 -14.92
C ASP A 88 10.17 -35.48 -13.48
N GLY A 89 9.86 -34.45 -12.69
CA GLY A 89 9.59 -34.66 -11.30
C GLY A 89 10.82 -34.66 -10.41
N ILE A 90 11.97 -34.26 -10.95
CA ILE A 90 13.21 -34.23 -10.18
C ILE A 90 13.83 -32.85 -10.33
N ILE A 91 14.18 -32.24 -9.22
CA ILE A 91 14.82 -30.92 -9.20
C ILE A 91 16.11 -31.07 -8.41
N TRP A 92 17.24 -30.74 -9.03
CA TRP A 92 18.55 -30.81 -8.38
C TRP A 92 18.86 -29.52 -7.66
N VAL A 93 19.46 -29.64 -6.47
CA VAL A 93 19.90 -28.48 -5.69
C VAL A 93 21.24 -28.81 -5.06
N ALA A 94 22.06 -27.78 -4.88
CA ALA A 94 23.38 -27.98 -4.30
C ALA A 94 23.84 -26.66 -3.71
N THR A 95 24.56 -26.76 -2.60
CA THR A 95 25.19 -25.60 -1.99
C THR A 95 26.64 -25.52 -2.46
N GLU A 96 27.12 -24.29 -2.64
CA GLU A 96 28.53 -24.00 -2.85
C GLU A 96 29.43 -24.92 -2.03
N GLY A 97 30.35 -25.59 -2.70
CA GLY A 97 31.32 -26.43 -2.03
C GLY A 97 30.91 -27.86 -1.82
N ALA A 98 29.67 -28.22 -2.11
CA ALA A 98 29.23 -29.61 -1.96
C ALA A 98 30.05 -30.52 -2.87
N LEU A 99 30.24 -31.77 -2.42
CA LEU A 99 31.01 -32.75 -3.16
C LEU A 99 30.08 -33.61 -4.00
N ASN A 100 30.44 -33.80 -5.28
CA ASN A 100 29.62 -34.58 -6.21
C ASN A 100 29.88 -36.07 -6.02
N THR A 101 29.45 -36.57 -4.88
CA THR A 101 29.67 -37.94 -4.48
C THR A 101 28.41 -38.47 -3.80
N PRO A 102 28.13 -39.77 -3.91
CA PRO A 102 26.92 -40.30 -3.27
C PRO A 102 27.01 -40.23 -1.75
N LYS A 103 25.91 -39.86 -1.10
CA LYS A 103 25.90 -39.70 0.36
C LYS A 103 25.43 -40.97 1.06
N ASP A 104 26.20 -42.05 0.83
CA ASP A 104 25.85 -43.36 1.37
C ASP A 104 25.68 -43.34 2.89
N HIS A 105 26.56 -42.63 3.59
CA HIS A 105 26.50 -42.59 5.05
C HIS A 105 25.22 -41.93 5.55
N ILE A 106 24.71 -40.93 4.83
CA ILE A 106 23.46 -40.29 5.25
C ILE A 106 22.28 -41.19 4.96
N GLY A 107 22.22 -41.79 3.77
CA GLY A 107 21.13 -42.69 3.41
C GLY A 107 19.76 -42.03 3.52
N THR A 108 18.75 -42.84 3.80
CA THR A 108 17.39 -42.33 3.97
C THR A 108 16.94 -42.51 5.43
N ARG A 109 15.79 -41.92 5.74
CA ARG A 109 15.24 -42.02 7.09
C ARG A 109 14.41 -43.29 7.21
N ASN A 110 14.59 -44.00 8.32
CA ASN A 110 13.70 -45.10 8.67
C ASN A 110 12.60 -44.54 9.56
N PRO A 111 11.36 -44.41 9.06
CA PRO A 111 10.31 -43.78 9.89
C PRO A 111 10.04 -44.50 11.18
N ALA A 112 10.31 -45.81 11.25
CA ALA A 112 10.16 -46.53 12.51
C ALA A 112 11.04 -45.94 13.60
N ASN A 113 12.21 -45.40 13.25
CA ASN A 113 13.19 -44.97 14.24
C ASN A 113 13.33 -43.45 14.38
N ASN A 114 12.88 -42.65 13.40
CA ASN A 114 13.03 -41.20 13.45
C ASN A 114 11.86 -40.53 12.74
N ALA A 115 11.30 -39.50 13.36
CA ALA A 115 10.34 -38.65 12.67
C ALA A 115 11.06 -37.74 11.68
N ALA A 116 10.32 -37.25 10.70
CA ALA A 116 10.86 -36.32 9.71
C ALA A 116 11.36 -35.04 10.39
N ILE A 117 12.44 -34.50 9.85
CA ILE A 117 12.96 -33.18 10.23
C ILE A 117 12.18 -32.12 9.46
N VAL A 118 11.74 -31.06 10.15
CA VAL A 118 10.98 -30.00 9.50
C VAL A 118 11.86 -29.36 8.44
N LEU A 119 11.42 -29.39 7.19
CA LEU A 119 12.22 -28.86 6.11
C LEU A 119 12.29 -27.33 6.21
N GLN A 120 13.49 -26.78 6.37
CA GLN A 120 13.67 -25.34 6.44
C GLN A 120 14.71 -24.90 5.42
N LEU A 121 14.40 -23.83 4.66
CA LEU A 121 15.32 -23.31 3.66
C LEU A 121 16.06 -22.10 4.20
N PRO A 122 17.24 -21.79 3.69
CA PRO A 122 17.89 -20.53 4.09
C PRO A 122 17.13 -19.33 3.56
N GLN A 123 17.38 -18.20 4.20
CA GLN A 123 16.75 -16.92 3.84
C GLN A 123 17.89 -15.98 3.49
N GLY A 124 18.09 -15.74 2.19
CA GLY A 124 19.09 -14.80 1.75
C GLY A 124 18.56 -13.38 1.76
N THR A 125 19.45 -12.44 1.43
CA THR A 125 19.08 -11.06 1.18
C THR A 125 18.67 -10.92 -0.29
N THR A 126 17.85 -9.92 -0.59
CA THR A 126 17.29 -9.80 -1.93
C THR A 126 18.40 -9.69 -2.97
N LEU A 127 19.32 -8.77 -2.78
CA LEU A 127 20.58 -8.67 -3.50
C LEU A 127 21.73 -8.98 -2.55
N PRO A 128 22.88 -9.42 -3.08
CA PRO A 128 24.05 -9.62 -2.21
C PRO A 128 24.41 -8.30 -1.53
N LYS A 129 24.71 -8.38 -0.24
CA LYS A 129 25.03 -7.19 0.52
C LYS A 129 25.98 -7.55 1.63
N GLY A 130 26.42 -6.54 2.37
CA GLY A 130 27.27 -6.76 3.52
C GLY A 130 28.63 -7.27 3.03
N PHE A 131 29.02 -8.44 3.54
CA PHE A 131 30.28 -9.04 3.14
C PHE A 131 30.22 -9.65 1.75
N TYR A 132 29.03 -9.78 1.15
CA TYR A 132 28.91 -10.50 -0.11
C TYR A 132 28.67 -9.55 -1.28
N GLN B 1 16.62 13.71 9.61
CA GLN B 1 15.57 12.73 9.41
C GLN B 1 15.57 12.20 7.96
N VAL B 2 15.39 10.88 7.81
CA VAL B 2 15.39 10.25 6.49
C VAL B 2 14.15 10.68 5.72
N GLN B 3 14.34 11.10 4.47
CA GLN B 3 13.22 11.53 3.66
C GLN B 3 13.34 10.98 2.24
N LEU B 4 12.21 10.51 1.70
CA LEU B 4 12.13 9.99 0.34
C LEU B 4 10.93 10.66 -0.34
N VAL B 5 11.18 11.32 -1.47
CA VAL B 5 10.18 12.16 -2.13
C VAL B 5 10.04 11.73 -3.58
N GLU B 6 8.93 11.09 -3.92
CA GLU B 6 8.74 10.59 -5.28
C GLU B 6 8.07 11.64 -6.16
N SER B 7 8.51 11.69 -7.42
CA SER B 7 7.98 12.63 -8.39
C SER B 7 7.78 11.91 -9.71
N GLY B 8 7.03 12.55 -10.60
CA GLY B 8 6.98 12.13 -11.99
C GLY B 8 5.74 11.35 -12.38
N GLY B 9 4.86 11.05 -11.43
CA GLY B 9 3.62 10.38 -11.78
C GLY B 9 2.68 11.29 -12.56
N GLY B 10 1.72 10.65 -13.21
CA GLY B 10 0.76 11.38 -14.03
C GLY B 10 0.01 10.43 -14.93
N VAL B 11 -0.57 10.99 -15.98
CA VAL B 11 -1.32 10.18 -16.94
C VAL B 11 -0.39 9.77 -18.06
N VAL B 12 -0.48 8.51 -18.45
CA VAL B 12 0.27 7.98 -19.57
C VAL B 12 -0.65 7.06 -20.36
N GLN B 13 -0.65 7.21 -21.69
CA GLN B 13 -1.44 6.34 -22.54
C GLN B 13 -0.89 4.91 -22.49
N PRO B 14 -1.76 3.91 -22.64
CA PRO B 14 -1.27 2.53 -22.67
C PRO B 14 -0.25 2.33 -23.78
N GLY B 15 0.72 1.45 -23.52
CA GLY B 15 1.81 1.23 -24.44
C GLY B 15 2.90 2.29 -24.40
N ARG B 16 2.70 3.39 -23.71
CA ARG B 16 3.68 4.47 -23.71
C ARG B 16 4.65 4.29 -22.54
N SER B 17 5.53 5.27 -22.33
CA SER B 17 6.62 5.18 -21.38
C SER B 17 6.54 6.34 -20.41
N LEU B 18 7.09 6.14 -19.21
CA LEU B 18 7.08 7.15 -18.16
C LEU B 18 8.18 6.85 -17.15
N ARG B 19 8.93 7.88 -16.77
CA ARG B 19 9.99 7.70 -15.78
C ARG B 19 9.60 8.36 -14.46
N LEU B 20 9.73 7.60 -13.37
CA LEU B 20 9.54 8.12 -12.02
C LEU B 20 10.90 8.41 -11.38
N SER B 21 10.87 9.32 -10.42
CA SER B 21 12.07 9.66 -9.68
C SER B 21 11.76 9.71 -8.20
N CYS B 22 12.80 9.54 -7.39
CA CYS B 22 12.71 9.58 -5.94
C CYS B 22 13.91 10.36 -5.43
N ALA B 23 13.65 11.48 -4.75
CA ALA B 23 14.72 12.30 -4.21
C ALA B 23 14.92 11.94 -2.74
N ALA B 24 16.14 11.57 -2.39
CA ALA B 24 16.43 11.14 -1.03
C ALA B 24 17.30 12.15 -0.29
N SER B 25 17.04 12.29 1.00
CA SER B 25 17.84 13.17 1.83
C SER B 25 17.77 12.69 3.28
N GLY B 26 18.73 13.16 4.07
CA GLY B 26 18.76 12.84 5.49
C GLY B 26 19.61 11.65 5.83
N PHE B 27 20.32 11.08 4.87
CA PHE B 27 21.16 9.92 5.07
C PHE B 27 22.10 9.83 3.88
N THR B 28 23.08 8.94 3.98
CA THR B 28 24.07 8.75 2.91
C THR B 28 23.46 7.83 1.86
N PHE B 29 22.94 8.42 0.78
CA PHE B 29 22.19 7.67 -0.23
C PHE B 29 22.97 6.46 -0.73
N SER B 30 24.24 6.64 -1.06
CA SER B 30 25.06 5.60 -1.68
C SER B 30 25.38 4.43 -0.76
N SER B 31 24.97 4.48 0.51
CA SER B 31 25.22 3.41 1.46
C SER B 31 24.09 2.39 1.54
N TYR B 32 22.99 2.59 0.80
CA TYR B 32 21.79 1.78 0.99
C TYR B 32 21.24 1.23 -0.32
N ILE B 33 20.71 0.02 -0.24
CA ILE B 33 19.97 -0.58 -1.32
C ILE B 33 18.58 0.04 -1.37
N MET B 34 18.07 0.30 -2.58
CA MET B 34 16.82 1.05 -2.76
C MET B 34 15.83 0.24 -3.57
N HIS B 35 14.55 0.33 -3.21
CA HIS B 35 13.52 -0.48 -3.87
C HIS B 35 12.41 0.42 -4.39
N TRP B 36 11.70 -0.08 -5.40
CA TRP B 36 10.41 0.44 -5.81
C TRP B 36 9.33 -0.58 -5.47
N VAL B 37 8.18 -0.07 -5.03
CA VAL B 37 7.03 -0.84 -4.59
C VAL B 37 5.80 -0.12 -5.13
N ARG B 38 4.76 -0.87 -5.50
CA ARG B 38 3.57 -0.21 -6.03
C ARG B 38 2.30 -0.78 -5.39
N GLN B 39 1.20 -0.04 -5.58
CA GLN B 39 -0.08 -0.39 -4.97
C GLN B 39 -1.19 0.06 -5.90
N ALA B 40 -1.90 -0.88 -6.51
CA ALA B 40 -3.05 -0.53 -7.30
C ALA B 40 -4.16 -0.04 -6.36
N PRO B 41 -5.07 0.77 -6.86
CA PRO B 41 -6.13 1.32 -6.00
C PRO B 41 -6.91 0.25 -5.25
N GLY B 42 -6.95 0.38 -3.92
CA GLY B 42 -7.64 -0.57 -3.07
C GLY B 42 -7.02 -1.95 -2.93
N LYS B 43 -5.85 -2.20 -3.50
CA LYS B 43 -5.18 -3.50 -3.38
C LYS B 43 -3.94 -3.39 -2.50
N GLY B 44 -3.13 -4.46 -2.47
CA GLY B 44 -2.01 -4.53 -1.55
C GLY B 44 -0.71 -3.98 -2.14
N LEU B 45 0.32 -4.02 -1.32
CA LEU B 45 1.65 -3.65 -1.77
C LEU B 45 2.25 -4.75 -2.65
N GLU B 46 2.93 -4.35 -3.72
CA GLU B 46 3.59 -5.27 -4.64
C GLU B 46 5.00 -4.77 -4.94
N TRP B 47 6.00 -5.59 -4.65
CA TRP B 47 7.37 -5.22 -4.95
C TRP B 47 7.56 -5.09 -6.44
N VAL B 48 8.34 -4.08 -6.85
CA VAL B 48 8.62 -3.81 -8.26
C VAL B 48 10.09 -4.14 -8.62
N ALA B 49 11.04 -3.49 -7.95
CA ALA B 49 12.43 -3.53 -8.41
C ALA B 49 13.37 -3.16 -7.27
N VAL B 50 14.62 -3.57 -7.40
CA VAL B 50 15.64 -3.31 -6.39
C VAL B 50 16.95 -2.97 -7.10
N ILE B 51 17.73 -2.05 -6.52
CA ILE B 51 19.03 -1.68 -7.07
C ILE B 51 20.04 -1.61 -5.93
N SER B 52 21.24 -2.11 -6.18
CA SER B 52 22.29 -2.16 -5.16
C SER B 52 22.90 -0.77 -4.92
N TYR B 53 23.75 -0.71 -3.88
CA TYR B 53 24.40 0.53 -3.43
C TYR B 53 24.91 1.39 -4.58
N ASP B 54 25.67 0.78 -5.48
CA ASP B 54 26.38 1.50 -6.53
C ASP B 54 25.77 1.27 -7.91
N GLY B 55 24.56 0.72 -7.96
CA GLY B 55 23.92 0.39 -9.22
C GLY B 55 24.50 -0.78 -9.99
N SER B 56 25.44 -1.54 -9.41
CA SER B 56 26.04 -2.64 -10.15
C SER B 56 25.16 -3.90 -10.20
N ASN B 57 24.16 -4.01 -9.34
CA ASN B 57 23.28 -5.16 -9.35
C ASN B 57 21.83 -4.72 -9.21
N GLU B 58 20.91 -5.57 -9.67
CA GLU B 58 19.50 -5.22 -9.79
C GLU B 58 18.67 -6.48 -9.82
N ALA B 59 17.36 -6.34 -9.59
CA ALA B 59 16.42 -7.44 -9.75
C ALA B 59 15.01 -6.87 -9.88
N TYR B 60 14.12 -7.67 -10.46
CA TYR B 60 12.81 -7.20 -10.85
C TYR B 60 11.76 -8.25 -10.52
N ALA B 61 10.60 -7.77 -10.09
CA ALA B 61 9.42 -8.63 -10.02
C ALA B 61 9.09 -9.17 -11.41
N ASP B 62 8.56 -10.38 -11.44
CA ASP B 62 8.26 -10.98 -12.75
C ASP B 62 7.25 -10.17 -13.53
N SER B 63 6.39 -9.42 -12.83
CA SER B 63 5.31 -8.71 -13.51
C SER B 63 5.80 -7.50 -14.30
N VAL B 64 7.03 -7.02 -14.06
CA VAL B 64 7.55 -5.87 -14.78
C VAL B 64 8.80 -6.18 -15.57
N LYS B 65 9.31 -7.41 -15.49
CA LYS B 65 10.59 -7.75 -16.10
C LYS B 65 10.53 -7.55 -17.62
N GLY B 66 11.60 -6.98 -18.16
CA GLY B 66 11.66 -6.66 -19.56
C GLY B 66 10.90 -5.43 -19.97
N ARG B 67 10.15 -4.81 -19.07
CA ARG B 67 9.45 -3.56 -19.36
C ARG B 67 9.93 -2.40 -18.52
N PHE B 68 10.24 -2.63 -17.25
CA PHE B 68 10.71 -1.58 -16.36
C PHE B 68 12.20 -1.76 -16.10
N THR B 69 12.93 -0.66 -15.97
CA THR B 69 14.27 -0.69 -15.40
C THR B 69 14.34 0.28 -14.23
N ILE B 70 15.31 0.00 -13.37
CA ILE B 70 15.63 0.81 -12.20
C ILE B 70 17.04 1.34 -12.39
N SER B 71 17.27 2.57 -11.93
CA SER B 71 18.58 3.18 -12.03
C SER B 71 18.73 4.18 -10.90
N ARG B 72 19.95 4.69 -10.77
CA ARG B 72 20.36 5.41 -9.57
C ARG B 72 21.42 6.44 -9.92
N ASP B 73 21.28 7.64 -9.39
CA ASP B 73 22.28 8.70 -9.57
C ASP B 73 22.76 9.13 -8.19
N ASN B 74 23.87 8.56 -7.75
CA ASN B 74 24.34 8.78 -6.38
C ASN B 74 24.81 10.22 -6.19
N SER B 75 25.44 10.81 -7.21
CA SER B 75 25.84 12.20 -7.11
C SER B 75 24.65 13.13 -6.81
N LYS B 76 23.50 12.84 -7.39
CA LYS B 76 22.32 13.69 -7.20
C LYS B 76 21.30 13.10 -6.23
N ASN B 77 21.64 12.01 -5.55
CA ASN B 77 20.78 11.44 -4.51
C ASN B 77 19.41 11.03 -5.04
N THR B 78 19.36 10.47 -6.26
CA THR B 78 18.08 10.21 -6.91
C THR B 78 17.99 8.77 -7.41
N LEU B 79 16.82 8.18 -7.22
CA LEU B 79 16.48 6.87 -7.74
C LEU B 79 15.43 7.02 -8.83
N TYR B 80 15.53 6.23 -9.88
CA TYR B 80 14.59 6.33 -10.99
C TYR B 80 13.96 4.98 -11.28
N LEU B 81 12.77 5.04 -11.88
CA LEU B 81 12.13 3.88 -12.47
C LEU B 81 11.70 4.27 -13.88
N GLN B 82 12.34 3.70 -14.88
CA GLN B 82 11.91 3.85 -16.27
C GLN B 82 10.88 2.79 -16.57
N MET B 83 9.67 3.23 -16.88
CA MET B 83 8.56 2.35 -17.22
C MET B 83 8.30 2.44 -18.71
N SER B 84 8.05 1.28 -19.34
CA SER B 84 7.72 1.22 -20.76
C SER B 84 6.67 0.13 -20.98
N SER B 85 6.06 0.14 -22.18
CA SER B 85 4.94 -0.75 -22.52
C SER B 85 3.90 -0.80 -21.40
N LEU B 86 3.53 0.37 -20.88
CA LEU B 86 2.62 0.44 -19.76
C LEU B 86 1.25 -0.15 -20.11
N ARG B 87 0.69 -0.90 -19.16
CA ARG B 87 -0.64 -1.47 -19.28
C ARG B 87 -1.51 -0.93 -18.15
N ALA B 88 -2.83 -1.10 -18.31
CA ALA B 88 -3.76 -0.52 -17.35
C ALA B 88 -3.50 -1.05 -15.94
N GLU B 89 -3.10 -2.32 -15.83
CA GLU B 89 -2.84 -2.88 -14.52
C GLU B 89 -1.54 -2.35 -13.87
N ASP B 90 -0.78 -1.48 -14.54
CA ASP B 90 0.32 -0.80 -13.89
C ASP B 90 -0.14 0.46 -13.13
N THR B 91 -1.39 0.86 -13.32
CA THR B 91 -1.93 2.03 -12.60
C THR B 91 -1.81 1.82 -11.10
N GLY B 92 -1.42 2.86 -10.40
CA GLY B 92 -1.39 2.83 -8.95
C GLY B 92 -0.36 3.78 -8.41
N VAL B 93 -0.20 3.73 -7.09
CA VAL B 93 0.76 4.57 -6.39
C VAL B 93 2.09 3.83 -6.32
N TYR B 94 3.18 4.50 -6.68
CA TYR B 94 4.51 3.92 -6.63
C TYR B 94 5.30 4.53 -5.50
N TYR B 95 5.87 3.67 -4.67
CA TYR B 95 6.58 4.08 -3.47
C TYR B 95 8.05 3.75 -3.62
N CYS B 96 8.87 4.68 -3.19
CA CYS B 96 10.29 4.50 -2.98
C CYS B 96 10.50 3.95 -1.58
N ALA B 97 11.40 2.98 -1.44
CA ALA B 97 11.67 2.44 -0.11
C ALA B 97 13.16 2.15 0.11
N ARG B 98 13.61 2.39 1.34
CA ARG B 98 14.99 2.14 1.73
C ARG B 98 15.09 0.80 2.43
N GLU B 99 15.96 -0.08 1.92
CA GLU B 99 16.28 -1.32 2.61
C GLU B 99 17.17 -1.04 3.81
N THR B 100 16.89 -1.73 4.92
CA THR B 100 17.73 -1.60 6.11
C THR B 100 19.20 -1.75 5.77
N GLY B 101 20.04 -1.10 6.57
CA GLY B 101 21.46 -1.38 6.42
C GLY B 101 21.93 -2.68 7.03
N ASP B 102 21.05 -3.41 7.74
CA ASP B 102 21.41 -4.70 8.31
C ASP B 102 22.00 -5.62 7.25
N TYR B 103 23.15 -6.22 7.55
CA TYR B 103 23.87 -7.02 6.57
C TYR B 103 23.12 -8.29 6.19
N SER B 104 22.33 -8.85 7.11
CA SER B 104 21.76 -10.18 6.92
C SER B 104 20.27 -10.18 6.55
N SER B 105 19.66 -9.01 6.32
CA SER B 105 18.22 -8.98 6.07
C SER B 105 17.89 -7.85 5.10
N SER B 106 16.66 -7.91 4.54
CA SER B 106 16.24 -6.95 3.53
C SER B 106 14.86 -6.34 3.80
N TRP B 107 14.48 -6.15 5.05
CA TRP B 107 13.27 -5.39 5.34
C TRP B 107 13.48 -3.92 4.96
N TYR B 108 12.36 -3.21 4.77
CA TYR B 108 12.39 -1.78 4.50
C TYR B 108 12.24 -0.99 5.79
N ASP B 109 13.13 -0.04 6.01
CA ASP B 109 12.99 0.75 7.23
C ASP B 109 12.42 2.14 6.98
N SER B 110 12.33 2.60 5.73
CA SER B 110 11.77 3.90 5.38
C SER B 110 11.03 3.82 4.06
N TRP B 111 9.92 4.55 3.99
CA TRP B 111 9.06 4.63 2.83
C TRP B 111 8.88 6.08 2.39
N GLY B 112 8.75 6.29 1.08
CA GLY B 112 8.35 7.57 0.55
C GLY B 112 6.86 7.83 0.71
N ARG B 113 6.42 8.96 0.18
CA ARG B 113 5.01 9.33 0.23
C ARG B 113 4.23 8.84 -0.97
N GLY B 114 4.90 8.49 -2.05
CA GLY B 114 4.26 7.88 -3.19
C GLY B 114 3.97 8.86 -4.30
N THR B 115 3.95 8.36 -5.53
CA THR B 115 3.48 9.12 -6.69
C THR B 115 2.52 8.26 -7.49
N LEU B 116 1.45 8.90 -8.00
CA LEU B 116 0.36 8.21 -8.65
C LEU B 116 0.65 8.09 -10.14
N VAL B 117 0.49 6.87 -10.68
CA VAL B 117 0.67 6.62 -12.11
C VAL B 117 -0.66 6.17 -12.67
N THR B 118 -1.17 6.91 -13.66
CA THR B 118 -2.49 6.66 -14.22
C THR B 118 -2.35 6.25 -15.68
N VAL B 119 -2.60 4.98 -15.97
CA VAL B 119 -2.46 4.45 -17.33
C VAL B 119 -3.85 4.43 -17.95
N SER B 120 -4.09 5.38 -18.85
CA SER B 120 -5.45 5.57 -19.37
C SER B 120 -5.38 6.45 -20.61
N SER B 121 -6.46 6.41 -21.38
CA SER B 121 -6.61 7.25 -22.56
C SER B 121 -7.23 8.60 -22.24
N ALA B 122 -7.79 8.78 -21.05
CA ALA B 122 -8.38 10.06 -20.69
C ALA B 122 -7.30 11.14 -20.70
N SER B 123 -7.73 12.36 -21.01
CA SER B 123 -6.80 13.47 -21.11
C SER B 123 -6.62 14.14 -19.75
N THR B 124 -5.49 14.80 -19.59
CA THR B 124 -5.23 15.62 -18.43
C THR B 124 -6.02 16.91 -18.53
N LYS B 125 -6.72 17.27 -17.45
CA LYS B 125 -7.52 18.49 -17.44
C LYS B 125 -7.23 19.28 -16.16
N GLY B 126 -6.90 20.56 -16.33
CA GLY B 126 -6.65 21.44 -15.21
C GLY B 126 -7.94 22.01 -14.64
N PRO B 127 -7.92 22.42 -13.38
CA PRO B 127 -9.16 22.85 -12.73
C PRO B 127 -9.52 24.30 -13.04
N SER B 128 -10.82 24.58 -12.89
CA SER B 128 -11.32 25.94 -12.71
C SER B 128 -11.47 26.22 -11.22
N VAL B 129 -11.09 27.43 -10.80
CA VAL B 129 -11.03 27.77 -9.39
C VAL B 129 -11.96 28.95 -9.13
N PHE B 130 -12.88 28.77 -8.18
CA PHE B 130 -13.85 29.80 -7.82
C PHE B 130 -13.75 30.09 -6.34
N PRO B 131 -13.85 31.37 -5.95
CA PRO B 131 -13.78 31.71 -4.53
C PRO B 131 -15.08 31.38 -3.83
N LEU B 132 -14.96 30.91 -2.59
CA LEU B 132 -16.11 30.68 -1.72
C LEU B 132 -16.09 31.79 -0.65
N ALA B 133 -16.82 32.87 -0.92
CA ALA B 133 -16.74 34.06 -0.09
C ALA B 133 -17.38 33.83 1.27
N PRO B 134 -16.83 34.45 2.33
CA PRO B 134 -17.38 34.23 3.66
C PRO B 134 -18.69 34.98 3.85
N SER B 135 -19.56 34.39 4.69
CA SER B 135 -20.90 34.94 4.96
C SER B 135 -20.89 36.44 5.28
N GLY B 142 -17.60 35.61 15.82
CA GLY B 142 -16.23 35.27 16.13
C GLY B 142 -15.40 34.90 14.91
N THR B 143 -15.74 33.79 14.25
CA THR B 143 -14.97 33.31 13.11
C THR B 143 -15.85 33.15 11.89
N ALA B 144 -15.26 33.41 10.73
CA ALA B 144 -15.89 33.20 9.44
C ALA B 144 -15.15 32.11 8.68
N ALA B 145 -15.91 31.38 7.85
CA ALA B 145 -15.37 30.33 7.00
C ALA B 145 -15.36 30.80 5.56
N LEU B 146 -14.20 30.71 4.92
CA LEU B 146 -14.10 31.10 3.52
C LEU B 146 -13.29 30.04 2.80
N GLY B 147 -13.56 29.88 1.51
CA GLY B 147 -12.93 28.78 0.82
C GLY B 147 -12.62 28.97 -0.65
N CYS B 148 -12.15 27.90 -1.29
CA CYS B 148 -11.90 27.86 -2.72
C CYS B 148 -12.49 26.58 -3.28
N LEU B 149 -13.29 26.72 -4.34
CA LEU B 149 -13.81 25.57 -5.07
C LEU B 149 -12.87 25.25 -6.23
N VAL B 150 -12.45 24.00 -6.31
CA VAL B 150 -11.51 23.53 -7.32
C VAL B 150 -12.27 22.49 -8.13
N LYS B 151 -12.74 22.89 -9.31
CA LYS B 151 -13.73 22.12 -10.08
C LYS B 151 -13.09 21.50 -11.32
N ASP B 152 -13.46 20.24 -11.59
CA ASP B 152 -13.35 19.58 -12.89
C ASP B 152 -11.89 19.42 -13.34
N TYR B 153 -11.17 18.56 -12.65
CA TYR B 153 -9.79 18.27 -12.99
C TYR B 153 -9.60 16.77 -13.04
N PHE B 154 -8.49 16.37 -13.69
CA PHE B 154 -8.11 14.97 -13.83
C PHE B 154 -6.64 14.92 -14.22
N PRO B 155 -5.82 14.05 -13.61
CA PRO B 155 -6.22 13.19 -12.49
C PRO B 155 -5.95 13.84 -11.13
N GLU B 156 -6.18 13.10 -10.04
CA GLU B 156 -5.61 13.49 -8.75
C GLU B 156 -4.09 13.52 -8.88
N PRO B 157 -3.39 14.33 -8.07
CA PRO B 157 -3.95 15.16 -7.03
C PRO B 157 -3.81 16.65 -7.28
N VAL B 158 -4.44 17.42 -6.42
CA VAL B 158 -4.32 18.87 -6.40
C VAL B 158 -3.79 19.26 -5.04
N THR B 159 -2.89 20.23 -5.00
CA THR B 159 -2.48 20.84 -3.74
C THR B 159 -3.08 22.23 -3.65
N VAL B 160 -3.63 22.56 -2.49
CA VAL B 160 -4.07 23.91 -2.19
C VAL B 160 -3.25 24.41 -1.02
N SER B 161 -2.68 25.60 -1.15
CA SER B 161 -2.17 26.36 -0.02
C SER B 161 -2.88 27.70 0.03
N TRP B 162 -2.61 28.45 1.09
CA TRP B 162 -3.25 29.74 1.33
C TRP B 162 -2.21 30.78 1.65
N ASN B 163 -2.30 31.94 0.99
CA ASN B 163 -1.31 33.01 1.14
C ASN B 163 0.10 32.48 0.93
N SER B 164 0.26 31.69 -0.14
CA SER B 164 1.55 31.12 -0.53
C SER B 164 2.21 30.32 0.60
N GLY B 165 1.43 29.81 1.55
CA GLY B 165 1.94 29.00 2.63
C GLY B 165 2.00 29.68 3.98
N ALA B 166 1.88 31.01 4.03
CA ALA B 166 1.98 31.71 5.31
C ALA B 166 0.74 31.55 6.18
N LEU B 167 -0.38 31.09 5.63
CA LEU B 167 -1.59 30.85 6.39
C LEU B 167 -1.82 29.34 6.45
N THR B 168 -1.79 28.79 7.66
CA THR B 168 -1.89 27.34 7.82
C THR B 168 -2.89 26.96 8.90
N SER B 169 -2.95 27.74 9.97
CA SER B 169 -3.87 27.44 11.07
C SER B 169 -5.30 27.65 10.62
N GLY B 170 -6.14 26.63 10.80
CA GLY B 170 -7.54 26.71 10.44
C GLY B 170 -7.88 26.22 9.04
N VAL B 171 -6.90 25.69 8.31
CA VAL B 171 -7.13 25.25 6.93
C VAL B 171 -7.61 23.81 6.94
N HIS B 172 -8.68 23.53 6.20
CA HIS B 172 -9.10 22.16 5.97
C HIS B 172 -9.40 21.97 4.50
N THR B 173 -8.59 21.16 3.83
CA THR B 173 -8.81 20.83 2.43
C THR B 173 -9.50 19.48 2.38
N PHE B 174 -10.61 19.43 1.74
CA PHE B 174 -11.41 18.20 1.80
C PHE B 174 -11.02 17.25 0.70
N PRO B 175 -11.27 15.95 0.92
CA PRO B 175 -11.02 14.97 -0.13
C PRO B 175 -11.92 15.24 -1.32
N ALA B 176 -11.42 14.91 -2.50
CA ALA B 176 -12.14 15.19 -3.74
C ALA B 176 -13.27 14.21 -3.94
N VAL B 177 -14.28 14.66 -4.68
CA VAL B 177 -15.34 13.81 -5.18
C VAL B 177 -14.98 13.43 -6.60
N LEU B 178 -15.27 12.18 -6.96
CA LEU B 178 -15.15 11.71 -8.33
C LEU B 178 -16.54 11.79 -8.95
N GLN B 179 -16.68 12.65 -9.94
CA GLN B 179 -17.97 12.84 -10.58
C GLN B 179 -18.21 11.77 -11.64
N SER B 180 -19.48 11.54 -11.97
CA SER B 180 -19.82 10.60 -13.03
C SER B 180 -19.25 11.01 -14.38
N SER B 181 -18.84 12.28 -14.53
CA SER B 181 -18.09 12.70 -15.71
C SER B 181 -16.67 12.14 -15.74
N GLY B 182 -16.22 11.50 -14.67
CA GLY B 182 -14.85 11.06 -14.58
C GLY B 182 -13.91 12.12 -14.07
N LEU B 183 -14.39 13.33 -13.82
CA LEU B 183 -13.57 14.43 -13.32
C LEU B 183 -13.73 14.56 -11.81
N TYR B 184 -12.69 15.13 -11.18
CA TYR B 184 -12.67 15.37 -9.75
C TYR B 184 -12.99 16.83 -9.44
N SER B 185 -13.56 17.07 -8.26
CA SER B 185 -13.67 18.41 -7.69
C SER B 185 -13.34 18.31 -6.21
N LEU B 186 -12.79 19.38 -5.65
CA LEU B 186 -12.65 19.47 -4.19
C LEU B 186 -12.82 20.91 -3.75
N SER B 187 -12.89 21.08 -2.43
CA SER B 187 -12.94 22.38 -1.78
C SER B 187 -11.90 22.44 -0.67
N SER B 188 -11.39 23.64 -0.46
CA SER B 188 -10.53 23.94 0.68
C SER B 188 -11.15 25.11 1.42
N VAL B 189 -11.29 24.97 2.74
CA VAL B 189 -11.85 25.98 3.62
C VAL B 189 -10.83 26.37 4.67
N VAL B 190 -10.76 27.66 4.98
CA VAL B 190 -9.96 28.14 6.10
C VAL B 190 -10.86 29.01 6.98
N THR B 191 -10.81 28.77 8.29
CA THR B 191 -11.61 29.50 9.27
C THR B 191 -10.74 30.61 9.88
N VAL B 192 -11.20 31.85 9.77
CA VAL B 192 -10.41 33.00 10.17
C VAL B 192 -11.20 33.89 11.13
N PRO B 193 -10.57 34.86 11.80
CA PRO B 193 -11.34 35.83 12.59
C PRO B 193 -12.14 36.77 11.69
N SER B 194 -13.42 36.95 12.03
CA SER B 194 -14.28 37.88 11.29
C SER B 194 -13.64 39.25 11.18
N SER B 195 -13.12 39.78 12.29
CA SER B 195 -12.44 41.08 12.29
C SER B 195 -11.31 41.15 11.26
N SER B 196 -10.79 40.00 10.80
CA SER B 196 -9.74 40.02 9.79
C SER B 196 -10.27 40.37 8.40
N LEU B 197 -11.53 40.04 8.12
CA LEU B 197 -12.12 40.34 6.81
C LEU B 197 -12.15 41.84 6.57
N GLY B 198 -11.42 42.29 5.56
CA GLY B 198 -11.23 43.70 5.29
C GLY B 198 -9.84 44.20 5.62
N THR B 199 -9.19 43.60 6.63
CA THR B 199 -7.79 43.89 6.89
C THR B 199 -6.86 42.90 6.17
N GLN B 200 -7.22 41.61 6.18
CA GLN B 200 -6.34 40.54 5.72
C GLN B 200 -6.77 40.07 4.34
N THR B 201 -5.81 39.89 3.44
CA THR B 201 -6.06 39.34 2.11
C THR B 201 -5.91 37.82 2.14
N TYR B 202 -6.89 37.12 1.59
CA TYR B 202 -6.92 35.66 1.56
C TYR B 202 -6.86 35.19 0.13
N ILE B 203 -5.77 34.52 -0.23
CA ILE B 203 -5.58 33.96 -1.56
C ILE B 203 -5.32 32.47 -1.40
N CYS B 204 -6.06 31.65 -2.13
CA CYS B 204 -5.74 30.24 -2.20
C CYS B 204 -4.92 29.99 -3.46
N ASN B 205 -3.90 29.14 -3.32
CA ASN B 205 -2.95 28.85 -4.39
C ASN B 205 -3.12 27.39 -4.78
N VAL B 206 -3.66 27.14 -5.96
CA VAL B 206 -4.01 25.80 -6.41
C VAL B 206 -2.96 25.36 -7.42
N ASN B 207 -2.43 24.14 -7.22
CA ASN B 207 -1.45 23.59 -8.14
C ASN B 207 -1.95 22.23 -8.61
N HIS B 208 -2.10 22.08 -9.91
CA HIS B 208 -2.42 20.79 -10.52
C HIS B 208 -1.23 20.43 -11.40
N LYS B 209 -0.25 19.77 -10.80
CA LYS B 209 0.98 19.43 -11.52
C LYS B 209 0.74 18.66 -12.81
N PRO B 210 -0.09 17.59 -12.86
CA PRO B 210 -0.24 16.83 -14.12
C PRO B 210 -0.60 17.67 -15.34
N SER B 211 -1.22 18.82 -15.14
CA SER B 211 -1.57 19.74 -16.22
C SER B 211 -0.75 21.02 -16.19
N ASN B 212 0.20 21.13 -15.26
CA ASN B 212 0.92 22.37 -15.01
C ASN B 212 -0.03 23.55 -14.91
N THR B 213 -1.10 23.37 -14.14
CA THR B 213 -2.01 24.46 -13.80
C THR B 213 -1.60 25.00 -12.44
N LYS B 214 -1.43 26.31 -12.38
CA LYS B 214 -1.09 27.02 -11.14
C LYS B 214 -1.97 28.25 -11.09
N VAL B 215 -2.97 28.23 -10.21
CA VAL B 215 -3.97 29.28 -10.10
C VAL B 215 -3.92 29.86 -8.69
N ASP B 216 -3.97 31.20 -8.61
CA ASP B 216 -4.17 31.90 -7.36
C ASP B 216 -5.48 32.68 -7.47
N LYS B 217 -6.39 32.45 -6.52
CA LYS B 217 -7.68 33.12 -6.52
C LYS B 217 -7.85 33.87 -5.21
N ARG B 218 -8.03 35.19 -5.30
CA ARG B 218 -8.38 36.00 -4.15
C ARG B 218 -9.81 35.69 -3.71
N VAL B 219 -10.03 35.65 -2.40
CA VAL B 219 -11.35 35.44 -1.82
C VAL B 219 -11.68 36.64 -0.96
N GLU B 220 -12.73 37.37 -1.34
CA GLU B 220 -13.15 38.59 -0.66
C GLU B 220 -14.59 38.45 -0.14
N PRO B 221 -14.93 39.15 0.94
CA PRO B 221 -16.32 39.09 1.44
C PRO B 221 -17.31 39.54 0.38
N LYS B 222 -18.54 39.05 0.50
CA LYS B 222 -19.58 39.35 -0.47
C LYS B 222 -20.46 40.52 -0.02
N GLN C 1 6.44 -19.56 -4.93
CA GLN C 1 6.30 -20.51 -3.84
C GLN C 1 6.48 -19.88 -2.44
N LEU C 2 7.30 -18.84 -2.29
CA LEU C 2 7.36 -18.11 -1.01
C LEU C 2 6.15 -17.19 -0.94
N VAL C 3 5.22 -17.48 -0.03
CA VAL C 3 3.93 -16.81 0.03
C VAL C 3 3.64 -16.43 1.48
N LEU C 4 3.19 -15.20 1.71
CA LEU C 4 2.69 -14.76 3.01
C LEU C 4 1.16 -14.69 2.96
N THR C 5 0.51 -15.33 3.93
CA THR C 5 -0.95 -15.32 4.04
C THR C 5 -1.37 -14.48 5.24
N GLN C 6 -2.22 -13.48 5.00
CA GLN C 6 -2.87 -12.75 6.07
C GLN C 6 -4.39 -12.77 5.86
N SER C 7 -5.13 -12.82 6.96
CA SER C 7 -6.57 -12.65 6.85
C SER C 7 -6.90 -11.19 6.48
N PRO C 8 -7.95 -10.98 5.68
CA PRO C 8 -8.23 -9.61 5.20
C PRO C 8 -8.63 -8.61 6.28
N SER C 9 -9.18 -9.03 7.42
CA SER C 9 -9.67 -8.03 8.38
C SER C 9 -9.52 -8.52 9.82
N ALA C 10 -9.62 -7.56 10.74
CA ALA C 10 -9.66 -7.82 12.17
C ALA C 10 -10.32 -6.63 12.85
N SER C 11 -10.81 -6.86 14.07
CA SER C 11 -11.47 -5.83 14.84
C SER C 11 -11.25 -6.09 16.32
N ALA C 12 -11.21 -5.01 17.10
CA ALA C 12 -11.18 -5.10 18.55
C ALA C 12 -11.59 -3.75 19.11
N SER C 13 -11.93 -3.74 20.40
CA SER C 13 -12.46 -2.52 21.01
C SER C 13 -11.35 -1.58 21.40
N LEU C 14 -11.67 -0.28 21.37
CA LEU C 14 -10.78 0.77 21.88
C LEU C 14 -10.24 0.37 23.26
N GLY C 15 -8.97 0.69 23.49
CA GLY C 15 -8.30 0.32 24.74
C GLY C 15 -7.99 -1.15 24.93
N ALA C 16 -8.57 -2.05 24.13
CA ALA C 16 -8.28 -3.48 24.23
C ALA C 16 -7.06 -3.84 23.38
N SER C 17 -6.82 -5.12 23.15
CA SER C 17 -5.65 -5.56 22.41
C SER C 17 -6.06 -6.47 21.28
N VAL C 18 -5.22 -6.55 20.25
CA VAL C 18 -5.49 -7.39 19.09
C VAL C 18 -4.19 -8.06 18.62
N LYS C 19 -4.34 -9.28 18.06
CA LYS C 19 -3.22 -10.06 17.57
C LYS C 19 -3.46 -10.38 16.10
N LEU C 20 -2.59 -9.86 15.24
CA LEU C 20 -2.65 -10.13 13.81
C LEU C 20 -1.65 -11.22 13.44
N THR C 21 -2.00 -12.02 12.45
CA THR C 21 -1.24 -13.20 12.09
C THR C 21 -0.80 -13.13 10.64
N CYS C 22 0.47 -13.47 10.41
CA CYS C 22 1.06 -13.72 9.10
C CYS C 22 1.60 -15.14 9.08
N THR C 23 1.33 -15.90 8.01
CA THR C 23 1.79 -17.29 7.90
C THR C 23 2.70 -17.47 6.69
N LEU C 24 3.87 -18.04 6.93
CA LEU C 24 4.84 -18.35 5.87
C LEU C 24 4.53 -19.68 5.20
N SER C 25 4.69 -19.73 3.89
CA SER C 25 4.46 -20.95 3.11
C SER C 25 5.51 -22.01 3.45
N SER C 26 5.25 -23.24 3.00
CA SER C 26 6.02 -24.38 3.51
C SER C 26 7.48 -24.27 3.12
N GLY C 27 8.34 -24.71 4.03
CA GLY C 27 9.76 -24.63 3.86
C GLY C 27 10.36 -23.33 4.32
N HIS C 28 9.54 -22.36 4.71
CA HIS C 28 10.07 -21.07 5.13
C HIS C 28 9.71 -20.76 6.58
N SER C 29 9.43 -21.80 7.38
CA SER C 29 9.02 -21.56 8.76
C SER C 29 10.13 -20.97 9.60
N ASN C 30 11.33 -20.79 9.05
CA ASN C 30 12.42 -20.20 9.79
C ASN C 30 12.66 -18.74 9.43
N TYR C 31 11.88 -18.19 8.52
CA TYR C 31 12.14 -16.85 7.99
C TYR C 31 11.72 -15.77 8.97
N ALA C 32 12.44 -14.65 8.92
CA ALA C 32 12.01 -13.43 9.58
C ALA C 32 11.10 -12.64 8.65
N ILE C 33 10.19 -11.87 9.25
CA ILE C 33 9.31 -10.97 8.53
C ILE C 33 9.44 -9.58 9.11
N ALA C 34 8.85 -8.61 8.40
CA ALA C 34 8.69 -7.25 8.88
C ALA C 34 7.22 -6.88 8.80
N TRP C 35 6.76 -6.11 9.77
CA TRP C 35 5.39 -5.58 9.82
C TRP C 35 5.37 -4.11 9.41
N HIS C 36 4.43 -3.75 8.54
CA HIS C 36 4.28 -2.36 8.11
C HIS C 36 2.82 -1.91 8.32
N GLN C 37 2.65 -0.65 8.74
CA GLN C 37 1.33 -0.07 8.98
C GLN C 37 1.05 0.97 7.92
N GLN C 38 -0.11 0.88 7.27
CA GLN C 38 -0.54 1.89 6.30
C GLN C 38 -1.87 2.48 6.76
N GLN C 39 -1.83 3.68 7.34
CA GLN C 39 -3.02 4.40 7.78
C GLN C 39 -3.81 4.90 6.56
N PRO C 40 -5.10 5.21 6.76
CA PRO C 40 -5.95 5.55 5.59
C PRO C 40 -5.39 6.74 4.83
N GLU C 41 -5.28 6.58 3.51
CA GLU C 41 -4.83 7.64 2.61
C GLU C 41 -3.39 8.06 2.89
N LYS C 42 -2.59 7.15 3.42
CA LYS C 42 -1.20 7.41 3.75
C LYS C 42 -0.34 6.31 3.15
N GLY C 43 0.95 6.59 3.00
CA GLY C 43 1.91 5.56 2.69
C GLY C 43 2.31 4.78 3.93
N PRO C 44 3.05 3.71 3.73
CA PRO C 44 3.33 2.77 4.83
C PRO C 44 4.43 3.28 5.75
N ARG C 45 4.51 2.62 6.89
CA ARG C 45 5.50 2.95 7.92
C ARG C 45 5.98 1.63 8.52
N TYR C 46 7.30 1.48 8.62
CA TYR C 46 7.88 0.27 9.19
C TYR C 46 7.62 0.20 10.68
N LEU C 47 7.14 -0.96 11.14
CA LEU C 47 6.86 -1.13 12.56
C LEU C 47 7.92 -1.95 13.28
N MET C 48 8.38 -3.05 12.67
CA MET C 48 8.99 -4.11 13.48
C MET C 48 9.49 -5.27 12.62
N LYS C 49 10.63 -5.84 12.97
CA LYS C 49 11.09 -7.11 12.43
C LYS C 49 10.82 -8.19 13.45
N VAL C 50 10.20 -9.29 13.01
CA VAL C 50 9.90 -10.42 13.87
C VAL C 50 10.70 -11.64 13.39
N ASN C 51 11.46 -12.25 14.31
CA ASN C 51 12.27 -13.42 13.99
C ASN C 51 11.51 -14.70 14.36
N SER C 52 12.00 -15.84 13.82
CA SER C 52 11.33 -17.11 14.02
C SER C 52 11.45 -17.63 15.46
N ASP C 53 12.45 -17.20 16.23
CA ASP C 53 12.54 -17.57 17.64
C ASP C 53 11.60 -16.76 18.54
N GLY C 54 10.80 -15.89 17.97
CA GLY C 54 9.85 -15.09 18.72
C GLY C 54 10.34 -13.70 19.08
N SER C 55 11.64 -13.44 19.00
CA SER C 55 12.14 -12.12 19.33
C SER C 55 11.75 -11.12 18.24
N HIS C 56 11.75 -9.83 18.60
CA HIS C 56 11.32 -8.79 17.69
C HIS C 56 12.09 -7.50 17.99
N THR C 57 12.23 -6.66 16.97
CA THR C 57 12.98 -5.41 17.08
C THR C 57 12.13 -4.28 16.51
N LYS C 58 11.62 -3.41 17.39
CA LYS C 58 10.79 -2.29 16.97
C LYS C 58 11.60 -1.29 16.16
N GLY C 59 10.92 -0.55 15.28
CA GLY C 59 11.53 0.60 14.69
C GLY C 59 11.58 1.77 15.66
N ASP C 60 12.34 2.80 15.30
CA ASP C 60 12.45 3.98 16.14
C ASP C 60 11.13 4.73 16.18
N GLY C 61 10.71 5.13 17.37
CA GLY C 61 9.46 5.87 17.52
C GLY C 61 8.22 5.00 17.57
N ILE C 62 8.37 3.68 17.53
CA ILE C 62 7.23 2.77 17.65
C ILE C 62 6.95 2.51 19.13
N PRO C 63 5.73 2.72 19.60
CA PRO C 63 5.43 2.58 21.03
C PRO C 63 5.50 1.13 21.51
N ASP C 64 5.84 1.00 22.81
CA ASP C 64 5.92 -0.31 23.46
C ASP C 64 4.64 -1.13 23.35
N ARG C 65 3.49 -0.50 23.12
CA ARG C 65 2.24 -1.24 22.99
C ARG C 65 2.18 -2.10 21.72
N PHE C 66 3.12 -1.94 20.80
CA PHE C 66 3.26 -2.81 19.64
C PHE C 66 4.35 -3.84 19.96
N SER C 67 4.02 -5.13 19.87
CA SER C 67 5.05 -6.13 20.04
C SER C 67 4.83 -7.25 19.02
N GLY C 68 5.83 -8.10 18.90
CA GLY C 68 5.80 -9.18 17.93
C GLY C 68 6.18 -10.49 18.58
N SER C 69 5.76 -11.58 17.95
CA SER C 69 6.07 -12.91 18.47
C SER C 69 5.88 -13.90 17.34
N SER C 70 6.06 -15.19 17.66
CA SER C 70 6.21 -16.16 16.59
C SER C 70 5.88 -17.55 17.12
N SER C 71 5.35 -18.40 16.23
CA SER C 71 5.18 -19.81 16.58
C SER C 71 5.09 -20.61 15.29
N GLY C 72 6.06 -21.51 15.07
CA GLY C 72 6.06 -22.29 13.85
C GLY C 72 6.14 -21.38 12.63
N ALA C 73 5.27 -21.61 11.67
CA ALA C 73 5.23 -20.78 10.47
C ALA C 73 4.50 -19.44 10.67
N GLU C 74 3.94 -19.20 11.86
CA GLU C 74 3.12 -18.02 12.11
C GLU C 74 3.93 -16.91 12.76
N ARG C 75 3.72 -15.68 12.28
CA ARG C 75 4.29 -14.49 12.87
C ARG C 75 3.16 -13.55 13.33
N TYR C 76 3.30 -12.96 14.50
CA TYR C 76 2.22 -12.19 15.10
C TYR C 76 2.65 -10.75 15.33
N LEU C 77 1.70 -9.84 15.16
CA LEU C 77 1.78 -8.47 15.64
C LEU C 77 0.69 -8.27 16.67
N THR C 78 1.08 -7.90 17.89
CA THR C 78 0.15 -7.68 18.98
C THR C 78 0.13 -6.19 19.30
N ILE C 79 -1.06 -5.59 19.27
CA ILE C 79 -1.24 -4.18 19.59
C ILE C 79 -2.16 -4.12 20.79
N SER C 80 -1.68 -3.55 21.89
CA SER C 80 -2.53 -3.39 23.06
C SER C 80 -2.84 -1.91 23.24
N SER C 81 -3.74 -1.64 24.20
CA SER C 81 -4.22 -0.28 24.46
C SER C 81 -4.59 0.42 23.16
N LEU C 82 -5.41 -0.27 22.37
CA LEU C 82 -5.75 0.17 21.02
C LEU C 82 -6.30 1.59 21.02
N GLN C 83 -5.77 2.41 20.12
CA GLN C 83 -6.27 3.77 19.92
C GLN C 83 -6.84 3.90 18.52
N SER C 84 -7.55 5.00 18.31
CA SER C 84 -8.16 5.26 17.00
C SER C 84 -7.11 5.27 15.90
N GLU C 85 -5.95 5.88 16.14
CA GLU C 85 -4.84 5.94 15.20
C GLU C 85 -4.38 4.57 14.73
N ASP C 86 -4.75 3.51 15.45
CA ASP C 86 -4.29 2.17 15.09
C ASP C 86 -5.10 1.54 13.98
N GLU C 87 -6.20 2.16 13.57
CA GLU C 87 -6.91 1.70 12.38
C GLU C 87 -6.05 1.89 11.14
N ALA C 88 -5.80 0.81 10.41
CA ALA C 88 -4.90 0.86 9.28
C ALA C 88 -4.98 -0.50 8.62
N ASP C 89 -4.37 -0.59 7.44
CA ASP C 89 -4.01 -1.87 6.85
C ASP C 89 -2.59 -2.21 7.30
N TYR C 90 -2.40 -3.42 7.82
CA TYR C 90 -1.10 -3.92 8.26
C TYR C 90 -0.59 -4.97 7.28
N TYR C 91 0.62 -4.77 6.78
CA TYR C 91 1.23 -5.68 5.82
C TYR C 91 2.45 -6.36 6.43
N CYS C 92 2.57 -7.65 6.22
CA CYS C 92 3.82 -8.33 6.51
C CYS C 92 4.67 -8.39 5.24
N GLN C 93 5.97 -8.22 5.43
CA GLN C 93 6.94 -8.27 4.36
C GLN C 93 7.97 -9.35 4.68
N THR C 94 8.36 -10.13 3.68
CA THR C 94 9.53 -10.97 3.85
C THR C 94 10.37 -10.91 2.57
N TRP C 95 11.50 -11.60 2.59
CA TRP C 95 12.51 -11.45 1.56
C TRP C 95 13.29 -12.75 1.43
N GLY C 96 13.98 -12.88 0.31
CA GLY C 96 14.91 -13.97 0.06
C GLY C 96 15.78 -13.57 -1.12
N THR C 97 16.71 -14.46 -1.46
CA THR C 97 17.58 -14.21 -2.61
C THR C 97 16.75 -13.88 -3.84
N GLY C 98 16.95 -12.67 -4.38
CA GLY C 98 16.28 -12.28 -5.59
C GLY C 98 14.80 -11.95 -5.42
N ILE C 99 14.28 -11.91 -4.21
CA ILE C 99 12.83 -11.76 -4.10
C ILE C 99 12.47 -10.93 -2.87
N GLN C 100 11.26 -10.38 -2.93
CA GLN C 100 10.67 -9.51 -1.95
C GLN C 100 9.19 -9.83 -2.03
N VAL C 101 8.57 -10.14 -0.88
CA VAL C 101 7.21 -10.67 -0.82
C VAL C 101 6.39 -9.94 0.25
N PHE C 102 5.14 -9.60 -0.08
CA PHE C 102 4.19 -8.99 0.85
C PHE C 102 2.95 -9.85 1.02
N GLY C 103 2.43 -9.90 2.24
CA GLY C 103 1.11 -10.45 2.46
C GLY C 103 0.02 -9.57 1.85
N GLY C 104 -1.21 -10.08 1.85
CA GLY C 104 -2.31 -9.31 1.28
C GLY C 104 -2.77 -8.14 2.12
N GLY C 105 -2.32 -8.04 3.37
CA GLY C 105 -2.70 -6.94 4.23
C GLY C 105 -3.93 -7.27 5.05
N THR C 106 -3.94 -6.84 6.30
CA THR C 106 -5.07 -7.02 7.21
C THR C 106 -5.59 -5.64 7.60
N LYS C 107 -6.88 -5.38 7.34
CA LYS C 107 -7.51 -4.14 7.76
C LYS C 107 -7.97 -4.25 9.21
N LEU C 108 -7.51 -3.34 10.05
CA LEU C 108 -7.91 -3.32 11.45
C LEU C 108 -8.89 -2.18 11.71
N THR C 109 -10.01 -2.52 12.34
CA THR C 109 -10.99 -1.52 12.75
C THR C 109 -11.13 -1.56 14.27
N VAL C 110 -11.19 -0.38 14.88
CA VAL C 110 -11.18 -0.22 16.32
C VAL C 110 -12.57 0.25 16.76
N LEU C 111 -13.32 -0.65 17.39
CA LEU C 111 -14.72 -0.42 17.76
C LEU C 111 -14.82 0.44 19.01
N GLY C 112 -16.03 0.96 19.23
CA GLY C 112 -16.32 1.68 20.45
C GLY C 112 -15.68 3.04 20.60
N GLN C 113 -15.41 3.71 19.49
CA GLN C 113 -14.92 5.08 19.59
C GLN C 113 -16.10 6.04 19.89
N PRO C 114 -15.82 7.24 20.38
CA PRO C 114 -16.90 8.13 20.81
C PRO C 114 -17.65 8.74 19.62
N LYS C 115 -18.98 8.74 19.71
CA LYS C 115 -19.80 9.45 18.74
C LYS C 115 -19.48 10.93 18.72
N ALA C 116 -19.55 11.53 17.54
CA ALA C 116 -19.34 12.95 17.37
C ALA C 116 -20.21 13.40 16.20
N ALA C 117 -21.00 14.48 16.42
CA ALA C 117 -21.96 15.00 15.44
C ALA C 117 -21.25 15.83 14.37
N PRO C 118 -21.79 15.84 13.16
CA PRO C 118 -21.11 16.55 12.06
C PRO C 118 -21.24 18.06 12.18
N SER C 119 -20.20 18.74 11.72
CA SER C 119 -20.22 20.19 11.52
C SER C 119 -20.46 20.42 10.02
N VAL C 120 -21.44 21.28 9.70
CA VAL C 120 -21.91 21.42 8.33
C VAL C 120 -21.79 22.87 7.89
N THR C 121 -21.17 23.10 6.73
CA THR C 121 -21.08 24.42 6.13
C THR C 121 -21.54 24.35 4.67
N LEU C 122 -22.46 25.25 4.30
CA LEU C 122 -23.04 25.28 2.96
C LEU C 122 -22.72 26.61 2.29
N PHE C 123 -22.11 26.54 1.12
CA PHE C 123 -21.74 27.69 0.31
C PHE C 123 -22.64 27.80 -0.92
N PRO C 124 -23.03 29.02 -1.29
CA PRO C 124 -23.78 29.23 -2.53
C PRO C 124 -22.83 29.30 -3.71
N PRO C 125 -23.34 29.28 -4.95
CA PRO C 125 -22.45 29.47 -6.10
C PRO C 125 -21.83 30.86 -6.05
N SER C 126 -20.58 30.94 -6.46
CA SER C 126 -19.88 32.22 -6.50
C SER C 126 -20.39 33.08 -7.66
N SER C 127 -20.27 34.39 -7.51
CA SER C 127 -20.60 35.29 -8.61
C SER C 127 -19.79 34.93 -9.85
N GLU C 128 -18.55 34.48 -9.67
CA GLU C 128 -17.71 34.18 -10.82
C GLU C 128 -18.20 32.94 -11.55
N GLU C 129 -18.65 31.92 -10.83
CA GLU C 129 -19.13 30.72 -11.50
C GLU C 129 -20.42 31.00 -12.26
N LEU C 130 -21.36 31.72 -11.64
CA LEU C 130 -22.61 32.09 -12.31
C LEU C 130 -22.33 32.84 -13.61
N GLN C 131 -21.37 33.77 -13.58
CA GLN C 131 -20.99 34.50 -14.78
C GLN C 131 -20.37 33.59 -15.84
N ALA C 132 -19.94 32.37 -15.46
CA ALA C 132 -19.51 31.35 -16.41
C ALA C 132 -20.65 30.41 -16.81
N ASN C 133 -21.88 30.74 -16.44
CA ASN C 133 -23.07 29.98 -16.80
C ASN C 133 -23.14 28.63 -16.09
N LYS C 134 -22.61 28.52 -14.87
CA LYS C 134 -22.73 27.30 -14.10
C LYS C 134 -23.06 27.68 -12.66
N ALA C 135 -23.45 26.68 -11.87
CA ALA C 135 -23.81 26.92 -10.47
C ALA C 135 -23.58 25.64 -9.68
N THR C 136 -22.79 25.75 -8.61
CA THR C 136 -22.51 24.62 -7.74
C THR C 136 -22.74 25.04 -6.30
N LEU C 137 -23.53 24.27 -5.58
CA LEU C 137 -23.66 24.39 -4.13
C LEU C 137 -22.71 23.40 -3.48
N VAL C 138 -21.99 23.85 -2.45
CA VAL C 138 -20.93 23.08 -1.82
C VAL C 138 -21.28 22.86 -0.36
N CYS C 139 -21.57 21.61 -0.01
CA CYS C 139 -21.91 21.24 1.36
C CYS C 139 -20.75 20.49 1.99
N LEU C 140 -20.14 21.08 3.02
CA LEU C 140 -18.95 20.53 3.65
C LEU C 140 -19.27 20.02 5.05
N ILE C 141 -18.88 18.78 5.33
CA ILE C 141 -19.29 18.03 6.52
C ILE C 141 -18.04 17.48 7.19
N SER C 142 -17.80 17.88 8.44
CA SER C 142 -16.57 17.48 9.11
C SER C 142 -16.85 17.00 10.53
N ASP C 143 -15.79 16.44 11.13
CA ASP C 143 -15.70 16.18 12.57
C ASP C 143 -16.74 15.20 13.08
N PHE C 144 -17.21 14.27 12.24
CA PHE C 144 -18.20 13.31 12.72
C PHE C 144 -17.60 11.91 12.89
N TYR C 145 -18.22 11.16 13.80
CA TYR C 145 -17.93 9.77 14.07
C TYR C 145 -19.20 9.13 14.59
N PRO C 146 -19.60 7.95 14.10
CA PRO C 146 -18.90 7.15 13.09
C PRO C 146 -18.99 7.75 11.69
N GLY C 147 -18.23 7.16 10.76
CA GLY C 147 -18.03 7.75 9.46
C GLY C 147 -19.05 7.38 8.42
N ALA C 148 -20.33 7.40 8.80
CA ALA C 148 -21.43 7.16 7.87
C ALA C 148 -22.44 8.29 8.03
N VAL C 149 -22.81 8.91 6.91
CA VAL C 149 -23.77 10.00 6.88
C VAL C 149 -24.76 9.76 5.74
N THR C 150 -25.85 10.51 5.79
CA THR C 150 -26.83 10.57 4.71
C THR C 150 -27.02 12.02 4.36
N VAL C 151 -26.86 12.38 3.09
CA VAL C 151 -27.01 13.74 2.64
C VAL C 151 -28.22 13.82 1.72
N ALA C 152 -29.10 14.78 1.98
CA ALA C 152 -30.29 15.02 1.18
C ALA C 152 -30.36 16.50 0.84
N TRP C 153 -30.63 16.81 -0.43
CA TRP C 153 -30.76 18.18 -0.87
C TRP C 153 -32.23 18.55 -1.06
N LYS C 154 -32.54 19.84 -0.92
CA LYS C 154 -33.89 20.36 -1.12
C LYS C 154 -33.84 21.65 -1.93
N ALA C 155 -34.72 21.76 -2.94
CA ALA C 155 -35.01 23.01 -3.63
C ALA C 155 -36.26 23.57 -2.97
N ASP C 156 -36.13 24.72 -2.30
CA ASP C 156 -37.17 25.18 -1.40
C ASP C 156 -37.42 24.06 -0.40
N SER C 157 -38.58 23.42 -0.46
CA SER C 157 -38.86 22.28 0.41
C SER C 157 -38.88 20.96 -0.35
N SER C 158 -38.56 20.94 -1.63
CA SER C 158 -38.69 19.71 -2.41
C SER C 158 -37.37 18.99 -2.48
N PRO C 159 -37.34 17.69 -2.15
CA PRO C 159 -36.11 16.91 -2.32
C PRO C 159 -35.65 16.92 -3.77
N VAL C 160 -34.34 17.04 -3.95
CA VAL C 160 -33.72 17.02 -5.27
C VAL C 160 -32.66 15.92 -5.24
N LYS C 161 -32.70 15.04 -6.23
CA LYS C 161 -31.73 13.95 -6.31
C LYS C 161 -30.79 14.05 -7.50
N ALA C 162 -31.23 14.67 -8.60
CA ALA C 162 -30.37 14.74 -9.78
C ALA C 162 -29.31 15.83 -9.60
N GLY C 163 -28.14 15.61 -10.18
CA GLY C 163 -27.08 16.60 -10.06
C GLY C 163 -26.37 16.61 -8.74
N VAL C 164 -26.53 15.57 -7.92
CA VAL C 164 -25.87 15.43 -6.62
C VAL C 164 -24.65 14.54 -6.76
N GLU C 165 -23.51 15.00 -6.25
CA GLU C 165 -22.29 14.20 -6.14
C GLU C 165 -21.76 14.28 -4.71
N THR C 166 -21.68 13.13 -4.03
CA THR C 166 -21.33 13.04 -2.61
C THR C 166 -20.16 12.07 -2.44
N THR C 167 -19.16 12.47 -1.64
CA THR C 167 -18.01 11.62 -1.39
C THR C 167 -18.32 10.54 -0.36
N THR C 168 -17.50 9.48 -0.40
CA THR C 168 -17.43 8.53 0.71
C THR C 168 -16.68 9.16 1.88
N PRO C 169 -17.20 9.08 3.10
CA PRO C 169 -16.50 9.68 4.24
C PRO C 169 -15.12 9.05 4.43
N SER C 170 -14.13 9.89 4.76
CA SER C 170 -12.81 9.40 5.05
C SER C 170 -12.28 10.06 6.33
N LYS C 171 -11.41 9.33 7.01
CA LYS C 171 -10.91 9.72 8.31
C LYS C 171 -9.93 10.88 8.16
N GLN C 172 -9.99 11.82 9.08
CA GLN C 172 -9.10 12.96 8.98
C GLN C 172 -8.05 12.90 10.09
N SER C 173 -7.11 13.83 10.00
CA SER C 173 -6.01 13.95 10.94
C SER C 173 -6.45 13.87 12.41
N ASN C 174 -7.63 14.36 12.73
CA ASN C 174 -8.11 14.33 14.11
C ASN C 174 -8.90 13.07 14.43
N ASN C 175 -8.89 12.07 13.54
CA ASN C 175 -9.56 10.78 13.70
C ASN C 175 -11.09 10.86 13.61
N LYS C 176 -11.65 11.98 13.20
CA LYS C 176 -13.05 12.06 12.81
C LYS C 176 -13.16 12.11 11.28
N TYR C 177 -14.37 11.92 10.79
CA TYR C 177 -14.57 11.80 9.36
C TYR C 177 -14.98 13.13 8.74
N ALA C 178 -14.71 13.24 7.44
CA ALA C 178 -15.15 14.36 6.63
C ALA C 178 -15.81 13.83 5.36
N ALA C 179 -16.72 14.61 4.80
CA ALA C 179 -17.37 14.26 3.55
C ALA C 179 -17.83 15.55 2.87
N SER C 180 -18.19 15.44 1.60
CA SER C 180 -18.53 16.58 0.74
C SER C 180 -19.73 16.22 -0.10
N SER C 181 -20.62 17.18 -0.34
CA SER C 181 -21.69 16.98 -1.30
C SER C 181 -21.80 18.23 -2.16
N TYR C 182 -21.94 18.02 -3.47
CA TYR C 182 -22.01 19.10 -4.45
C TYR C 182 -23.32 18.98 -5.18
N LEU C 183 -24.02 20.10 -5.33
CA LEU C 183 -25.25 20.14 -6.09
C LEU C 183 -25.04 21.02 -7.32
N SER C 184 -25.24 20.45 -8.49
CA SER C 184 -25.12 21.19 -9.75
C SER C 184 -26.47 21.74 -10.20
N LEU C 185 -26.49 23.02 -10.53
CA LEU C 185 -27.68 23.73 -10.97
C LEU C 185 -27.35 24.61 -12.15
N THR C 186 -28.41 25.00 -12.91
CA THR C 186 -28.17 26.12 -13.79
C THR C 186 -28.31 27.41 -12.98
N PRO C 187 -27.66 28.50 -13.40
CA PRO C 187 -27.88 29.78 -12.69
C PRO C 187 -29.35 30.16 -12.61
N GLU C 188 -30.13 29.87 -13.64
CA GLU C 188 -31.55 30.23 -13.61
C GLU C 188 -32.29 29.43 -12.53
N GLN C 189 -31.96 28.15 -12.38
CA GLN C 189 -32.52 27.36 -11.27
C GLN C 189 -32.17 27.99 -9.93
N TRP C 190 -30.90 28.36 -9.77
CA TRP C 190 -30.45 28.96 -8.53
C TRP C 190 -31.27 30.20 -8.20
N LYS C 191 -31.48 31.08 -9.17
CA LYS C 191 -32.12 32.36 -8.93
C LYS C 191 -33.64 32.25 -8.79
N SER C 192 -34.25 31.18 -9.27
CA SER C 192 -35.71 31.11 -9.31
C SER C 192 -36.32 30.38 -8.12
N HIS C 193 -35.54 29.76 -7.26
CA HIS C 193 -36.11 29.19 -6.04
C HIS C 193 -35.84 30.15 -4.87
N ARG C 194 -36.64 30.05 -3.82
CA ARG C 194 -36.39 30.89 -2.65
C ARG C 194 -35.10 30.49 -1.94
N SER C 195 -34.83 29.19 -1.81
CA SER C 195 -33.63 28.74 -1.14
C SER C 195 -33.31 27.32 -1.58
N TYR C 196 -32.10 26.88 -1.25
CA TYR C 196 -31.66 25.49 -1.40
C TYR C 196 -31.08 25.05 -0.07
N SER C 197 -31.28 23.78 0.30
CA SER C 197 -30.84 23.29 1.59
C SER C 197 -30.02 22.01 1.46
N CYS C 198 -29.03 21.85 2.33
CA CYS C 198 -28.28 20.61 2.48
C CYS C 198 -28.62 19.99 3.84
N GLN C 199 -29.21 18.79 3.81
CA GLN C 199 -29.60 18.05 4.99
C GLN C 199 -28.63 16.91 5.26
N VAL C 200 -27.96 16.93 6.42
CA VAL C 200 -27.02 15.90 6.82
C VAL C 200 -27.58 15.14 8.03
N THR C 201 -27.83 13.85 7.85
CA THR C 201 -28.27 12.99 8.94
C THR C 201 -27.14 12.05 9.35
N HIS C 202 -26.92 11.94 10.67
CA HIS C 202 -25.83 11.16 11.23
C HIS C 202 -26.32 10.52 12.51
N GLU C 203 -26.32 9.18 12.55
CA GLU C 203 -26.72 8.42 13.73
C GLU C 203 -28.05 8.96 14.28
N GLY C 204 -29.07 8.90 13.44
CA GLY C 204 -30.35 9.42 13.85
C GLY C 204 -30.52 10.90 13.57
N SER C 205 -29.74 11.76 14.24
CA SER C 205 -30.00 13.20 14.23
C SER C 205 -29.70 13.84 12.87
N THR C 206 -30.54 14.80 12.47
CA THR C 206 -30.40 15.56 11.25
C THR C 206 -30.20 17.04 11.55
N VAL C 207 -29.30 17.69 10.80
CA VAL C 207 -29.26 19.15 10.73
C VAL C 207 -29.37 19.53 9.26
N GLU C 208 -29.68 20.81 9.04
CA GLU C 208 -29.97 21.34 7.73
C GLU C 208 -29.41 22.75 7.66
N LYS C 209 -28.61 23.04 6.64
CA LYS C 209 -28.16 24.38 6.35
C LYS C 209 -28.84 24.84 5.06
N THR C 210 -28.97 26.15 4.91
CA THR C 210 -29.79 26.73 3.85
C THR C 210 -29.10 27.97 3.32
N VAL C 211 -29.12 28.14 1.99
CA VAL C 211 -28.55 29.31 1.33
C VAL C 211 -29.58 29.83 0.33
N ALA C 212 -29.50 31.14 0.03
CA ALA C 212 -30.48 31.80 -0.81
C ALA C 212 -29.79 32.79 -1.75
N PRO C 213 -30.34 33.01 -2.95
CA PRO C 213 -29.78 34.00 -3.87
C PRO C 213 -30.05 35.43 -3.43
#